data_6ZZQ
#
_entry.id   6ZZQ
#
_cell.length_a   64.348
_cell.length_b   64.348
_cell.length_c   194.513
_cell.angle_alpha   90.000
_cell.angle_beta   90.000
_cell.angle_gamma   120.000
#
_symmetry.space_group_name_H-M   'P 64 2 2'
#
loop_
_entity.id
_entity.type
_entity.pdbx_description
1 polymer '3-hydroxybutyrate dehydrogenase'
2 non-polymer NICOTINAMIDE-ADENINE-DINUCLEOTIDE
3 non-polymer 'ACETOACETIC ACID'
4 water water
#
_entity_poly.entity_id   1
_entity_poly.type   'polypeptide(L)'
_entity_poly.pdbx_seq_one_letter_code
;MTKLLDGKVAFITGSASGIGLEIAKKFAQEGAKVVISDMNAEKCQETANSLKEQGFDALSAPCDVTDEDAYKQAIELTQK
TFGTVDILINNAGFQHVAPIEEFPTAVFQKLVQVMLTGAFIGIKHVLPIMKAQKYGRIINMASINGLIGFAGKAGYNSAK
HGVIGLTKVAALECARDGITVNALCPGYVDTPLVRGQIADLAKTRNVSLDSALEDVILAMVPQKRLLSVEEIADYAIFLA
SSKAGGVTGQAVVMDGGYTAQ
;
_entity_poly.pdbx_strand_id   A
#
loop_
_chem_comp.id
_chem_comp.type
_chem_comp.name
_chem_comp.formula
AAE non-polymer 'ACETOACETIC ACID' 'C4 H6 O3'
NAD non-polymer NICOTINAMIDE-ADENINE-DINUCLEOTIDE 'C21 H27 N7 O14 P2'
#
# COMPACT_ATOMS: atom_id res chain seq x y z
N THR A 2 -4.57 22.42 9.61
CA THR A 2 -3.26 22.51 8.86
C THR A 2 -3.25 21.43 7.78
N LYS A 3 -2.37 21.58 6.77
CA LYS A 3 -2.28 20.69 5.59
C LYS A 3 -0.86 20.09 5.58
N LEU A 4 -0.73 18.91 6.20
CA LEU A 4 0.57 18.23 6.50
C LEU A 4 1.31 17.83 5.21
N LEU A 5 0.62 17.73 4.07
CA LEU A 5 1.24 17.34 2.77
C LEU A 5 1.07 18.44 1.73
N ASP A 6 1.20 19.71 2.12
CA ASP A 6 0.74 20.88 1.30
C ASP A 6 1.55 20.97 -0.01
N GLY A 7 0.87 20.87 -1.17
CA GLY A 7 1.47 20.81 -2.51
C GLY A 7 2.63 19.81 -2.62
N LYS A 8 2.53 18.66 -1.94
CA LYS A 8 3.37 17.49 -2.25
C LYS A 8 2.66 16.70 -3.34
N VAL A 9 3.40 15.95 -4.14
CA VAL A 9 2.81 15.10 -5.22
C VAL A 9 2.90 13.64 -4.81
N ALA A 10 1.75 13.01 -4.62
CA ALA A 10 1.63 11.61 -4.12
C ALA A 10 1.13 10.68 -5.23
N PHE A 11 1.95 9.68 -5.60
CA PHE A 11 1.58 8.61 -6.58
C PHE A 11 1.23 7.34 -5.79
N ILE A 12 0.00 6.85 -5.91
CA ILE A 12 -0.49 5.69 -5.09
C ILE A 12 -0.99 4.60 -6.02
N THR A 13 -0.33 3.44 -5.97
CA THR A 13 -0.65 2.23 -6.75
C THR A 13 -1.87 1.57 -6.08
N GLY A 14 -2.69 0.85 -6.84
CA GLY A 14 -3.87 0.15 -6.30
C GLY A 14 -4.87 1.10 -5.61
N SER A 15 -5.01 2.34 -6.07
CA SER A 15 -5.71 3.41 -5.31
C SER A 15 -7.18 3.55 -5.75
N ALA A 16 -7.74 2.58 -6.47
CA ALA A 16 -9.15 2.60 -6.93
C ALA A 16 -10.07 1.98 -5.88
N SER A 17 -9.55 1.22 -4.89
CA SER A 17 -10.34 0.73 -3.74
C SER A 17 -9.55 0.70 -2.43
N GLY A 18 -10.26 0.41 -1.34
CA GLY A 18 -9.70 0.03 -0.03
C GLY A 18 -8.68 1.01 0.49
N ILE A 19 -7.56 0.49 1.02
CA ILE A 19 -6.58 1.32 1.77
C ILE A 19 -6.03 2.43 0.85
N GLY A 20 -5.74 2.11 -0.41
CA GLY A 20 -5.18 3.07 -1.37
C GLY A 20 -6.15 4.18 -1.69
N LEU A 21 -7.42 3.84 -1.87
CA LEU A 21 -8.47 4.87 -2.11
C LEU A 21 -8.53 5.81 -0.89
N GLU A 22 -8.63 5.27 0.33
CA GLU A 22 -8.66 6.16 1.54
C GLU A 22 -7.37 7.00 1.60
N ILE A 23 -6.21 6.41 1.34
CA ILE A 23 -4.92 7.15 1.41
C ILE A 23 -5.00 8.34 0.43
N ALA A 24 -5.42 8.08 -0.81
CA ALA A 24 -5.62 9.11 -1.87
C ALA A 24 -6.54 10.21 -1.34
N LYS A 25 -7.70 9.84 -0.80
CA LYS A 25 -8.70 10.81 -0.29
C LYS A 25 -8.09 11.64 0.83
N LYS A 26 -7.44 10.99 1.79
CA LYS A 26 -6.96 11.67 3.02
C LYS A 26 -5.73 12.51 2.67
N PHE A 27 -4.85 12.04 1.79
CA PHE A 27 -3.68 12.79 1.30
C PHE A 27 -4.16 14.10 0.63
N ALA A 28 -5.25 14.06 -0.14
CA ALA A 28 -5.85 15.24 -0.81
C ALA A 28 -6.33 16.25 0.23
N GLN A 29 -7.01 15.79 1.26
CA GLN A 29 -7.47 16.64 2.40
C GLN A 29 -6.27 17.30 3.09
N GLU A 30 -5.08 16.72 3.01
CA GLU A 30 -3.83 17.27 3.62
C GLU A 30 -3.06 18.12 2.59
N GLY A 31 -3.66 18.41 1.43
CA GLY A 31 -3.09 19.34 0.45
C GLY A 31 -2.22 18.67 -0.59
N ALA A 32 -2.13 17.34 -0.60
CA ALA A 32 -1.34 16.60 -1.62
C ALA A 32 -2.01 16.79 -2.99
N LYS A 33 -1.23 16.75 -4.06
CA LYS A 33 -1.76 16.40 -5.41
C LYS A 33 -1.63 14.87 -5.55
N VAL A 34 -2.74 14.17 -5.80
CA VAL A 34 -2.79 12.67 -5.72
C VAL A 34 -2.94 12.08 -7.12
N VAL A 35 -2.21 11.01 -7.40
CA VAL A 35 -2.31 10.25 -8.67
C VAL A 35 -3.02 8.93 -8.35
N ILE A 36 -4.22 8.74 -8.90
CA ILE A 36 -5.02 7.48 -8.81
C ILE A 36 -4.51 6.55 -9.91
N SER A 37 -4.04 5.37 -9.50
CA SER A 37 -3.40 4.37 -10.38
C SER A 37 -3.90 2.99 -9.95
N ASP A 38 -4.37 2.19 -10.90
CA ASP A 38 -4.89 0.83 -10.65
C ASP A 38 -5.01 0.13 -12.01
N MET A 39 -5.43 -1.14 -12.00
CA MET A 39 -5.81 -1.95 -13.18
C MET A 39 -7.05 -1.34 -13.83
N ASN A 40 -8.11 -1.19 -13.05
CA ASN A 40 -9.41 -0.66 -13.55
C ASN A 40 -9.23 0.82 -13.87
N ALA A 41 -8.99 1.15 -15.15
CA ALA A 41 -8.77 2.54 -15.65
C ALA A 41 -10.06 3.36 -15.56
N GLU A 42 -11.23 2.70 -15.50
CA GLU A 42 -12.56 3.35 -15.46
C GLU A 42 -12.82 3.90 -14.04
N LYS A 43 -12.62 3.07 -13.01
CA LYS A 43 -12.66 3.48 -11.58
C LYS A 43 -11.63 4.61 -11.35
N CYS A 44 -10.47 4.55 -12.01
CA CYS A 44 -9.39 5.58 -11.88
C CYS A 44 -9.89 6.95 -12.35
N GLN A 45 -10.45 7.04 -13.55
CA GLN A 45 -11.00 8.33 -14.04
C GLN A 45 -12.12 8.75 -13.09
N GLU A 46 -13.03 7.82 -12.75
CA GLU A 46 -14.22 8.10 -11.89
C GLU A 46 -13.73 8.69 -10.56
N THR A 47 -12.68 8.07 -9.98
CA THR A 47 -12.07 8.46 -8.68
C THR A 47 -11.55 9.90 -8.78
N ALA A 48 -10.65 10.12 -9.73
CA ALA A 48 -9.91 11.40 -9.88
C ALA A 48 -10.92 12.48 -10.20
N ASN A 49 -11.97 12.14 -10.94
CA ASN A 49 -13.01 13.11 -11.40
C ASN A 49 -13.81 13.59 -10.20
N SER A 50 -14.12 12.69 -9.27
CA SER A 50 -14.82 13.03 -8.03
C SER A 50 -13.94 13.91 -7.13
N LEU A 51 -12.64 13.60 -7.02
CA LEU A 51 -11.70 14.40 -6.19
C LEU A 51 -11.62 15.82 -6.78
N LYS A 52 -11.56 15.95 -8.10
CA LYS A 52 -11.56 17.25 -8.83
C LYS A 52 -12.85 18.03 -8.52
N GLU A 53 -14.00 17.35 -8.48
CA GLU A 53 -15.29 18.03 -8.20
C GLU A 53 -15.30 18.52 -6.75
N GLN A 54 -14.52 17.90 -5.85
CA GLN A 54 -14.43 18.35 -4.43
C GLN A 54 -13.33 19.41 -4.27
N GLY A 55 -12.75 19.88 -5.39
CA GLY A 55 -11.75 20.97 -5.41
C GLY A 55 -10.34 20.48 -5.14
N PHE A 56 -10.09 19.19 -5.35
CA PHE A 56 -8.76 18.56 -5.12
C PHE A 56 -8.01 18.49 -6.47
N ASP A 57 -6.69 18.36 -6.37
CA ASP A 57 -5.76 18.13 -7.50
C ASP A 57 -5.53 16.61 -7.66
N ALA A 58 -6.16 16.01 -8.66
CA ALA A 58 -6.15 14.55 -8.86
C ALA A 58 -5.87 14.27 -10.33
N LEU A 59 -4.96 13.33 -10.58
CA LEU A 59 -4.64 12.77 -11.91
C LEU A 59 -4.96 11.28 -11.94
N SER A 60 -5.64 10.81 -13.00
CA SER A 60 -5.82 9.37 -13.30
C SER A 60 -4.62 8.93 -14.12
N ALA A 61 -3.79 8.01 -13.60
CA ALA A 61 -2.64 7.42 -14.32
C ALA A 61 -2.68 5.91 -14.13
N PRO A 62 -3.67 5.21 -14.73
CA PRO A 62 -3.82 3.77 -14.53
C PRO A 62 -2.58 2.99 -14.99
N CYS A 63 -2.22 1.91 -14.30
CA CYS A 63 -1.22 0.96 -14.83
C CYS A 63 -1.22 -0.32 -14.00
N ASP A 64 -0.87 -1.42 -14.66
CA ASP A 64 -0.47 -2.69 -14.02
C ASP A 64 0.95 -2.48 -13.53
N VAL A 65 1.19 -2.55 -12.22
CA VAL A 65 2.53 -2.33 -11.60
C VAL A 65 3.51 -3.42 -12.06
N THR A 66 3.07 -4.55 -12.65
CA THR A 66 4.01 -5.58 -13.18
C THR A 66 4.51 -5.20 -14.57
N ASP A 67 3.89 -4.19 -15.17
CA ASP A 67 4.16 -3.68 -16.54
C ASP A 67 5.05 -2.43 -16.42
N GLU A 68 6.37 -2.62 -16.50
CA GLU A 68 7.37 -1.60 -16.12
C GLU A 68 7.30 -0.43 -17.12
N ASP A 69 6.93 -0.73 -18.37
CA ASP A 69 6.78 0.31 -19.42
C ASP A 69 5.61 1.21 -19.02
N ALA A 70 4.51 0.62 -18.59
CA ALA A 70 3.28 1.36 -18.26
C ALA A 70 3.46 2.08 -16.93
N TYR A 71 4.20 1.49 -15.99
CA TYR A 71 4.46 2.12 -14.67
C TYR A 71 5.36 3.34 -14.94
N LYS A 72 6.44 3.17 -15.73
CA LYS A 72 7.38 4.27 -16.07
C LYS A 72 6.62 5.42 -16.73
N GLN A 73 5.58 5.13 -17.53
CA GLN A 73 4.87 6.18 -18.30
C GLN A 73 3.87 6.89 -17.39
N ALA A 74 3.27 6.18 -16.42
CA ALA A 74 2.41 6.80 -15.38
C ALA A 74 3.23 7.81 -14.55
N ILE A 75 4.50 7.50 -14.30
CA ILE A 75 5.44 8.34 -13.49
C ILE A 75 5.77 9.59 -14.32
N GLU A 76 6.06 9.42 -15.61
CA GLU A 76 6.35 10.52 -16.57
C GLU A 76 5.11 11.42 -16.71
N LEU A 77 3.90 10.85 -16.82
CA LEU A 77 2.65 11.65 -16.90
C LEU A 77 2.47 12.48 -15.63
N THR A 78 2.84 11.92 -14.47
CA THR A 78 2.84 12.62 -13.18
C THR A 78 3.81 13.82 -13.21
N GLN A 79 5.05 13.59 -13.61
CA GLN A 79 6.10 14.64 -13.76
C GLN A 79 5.57 15.76 -14.66
N LYS A 80 5.12 15.41 -15.88
CA LYS A 80 4.47 16.32 -16.86
C LYS A 80 3.33 17.11 -16.19
N THR A 81 2.43 16.43 -15.50
CA THR A 81 1.22 17.07 -14.91
C THR A 81 1.59 17.97 -13.71
N PHE A 82 2.39 17.49 -12.75
CA PHE A 82 2.55 18.13 -11.40
C PHE A 82 3.99 18.58 -11.15
N GLY A 83 4.95 18.18 -11.97
CA GLY A 83 6.32 18.72 -11.94
C GLY A 83 7.30 17.80 -11.26
N THR A 84 6.81 16.81 -10.52
CA THR A 84 7.66 15.95 -9.67
C THR A 84 6.83 14.79 -9.10
N VAL A 85 7.51 13.89 -8.39
CA VAL A 85 6.90 12.93 -7.43
C VAL A 85 7.63 13.09 -6.11
N ASP A 86 6.93 13.53 -5.07
CA ASP A 86 7.51 13.64 -3.70
C ASP A 86 7.20 12.36 -2.91
N ILE A 87 6.06 11.73 -3.18
CA ILE A 87 5.58 10.57 -2.36
C ILE A 87 5.12 9.44 -3.29
N LEU A 88 5.66 8.25 -3.09
CA LEU A 88 5.25 6.98 -3.73
C LEU A 88 4.66 6.09 -2.64
N ILE A 89 3.44 5.62 -2.83
CA ILE A 89 2.84 4.55 -2.00
C ILE A 89 2.69 3.32 -2.91
N ASN A 90 3.49 2.27 -2.68
CA ASN A 90 3.36 0.94 -3.35
C ASN A 90 2.35 0.10 -2.57
N ASN A 91 1.08 0.11 -2.99
CA ASN A 91 -0.08 -0.42 -2.23
C ASN A 91 -0.72 -1.57 -3.01
N ALA A 92 -0.50 -1.63 -4.33
CA ALA A 92 -1.19 -2.61 -5.20
C ALA A 92 -0.94 -3.99 -4.62
N GLY A 93 -1.95 -4.84 -4.53
CA GLY A 93 -1.76 -6.22 -4.07
C GLY A 93 -3.01 -7.05 -4.25
N PHE A 94 -2.93 -8.31 -3.88
CA PHE A 94 -4.05 -9.27 -3.89
C PHE A 94 -3.65 -10.46 -3.03
N GLN A 95 -4.56 -11.43 -2.86
CA GLN A 95 -4.38 -12.59 -1.96
C GLN A 95 -4.83 -13.88 -2.68
N HIS A 96 -4.09 -14.96 -2.43
CA HIS A 96 -4.49 -16.35 -2.72
C HIS A 96 -4.05 -17.24 -1.55
N VAL A 97 -5.01 -17.73 -0.75
CA VAL A 97 -4.82 -18.66 0.41
C VAL A 97 -4.99 -20.12 -0.07
N ALA A 98 -3.94 -20.95 0.03
CA ALA A 98 -3.93 -22.41 -0.23
C ALA A 98 -2.80 -23.09 0.55
N PRO A 99 -2.95 -24.38 0.95
CA PRO A 99 -1.82 -25.16 1.46
C PRO A 99 -0.78 -25.21 0.35
N ILE A 100 0.50 -25.27 0.72
CA ILE A 100 1.65 -25.18 -0.23
C ILE A 100 1.48 -26.25 -1.30
N GLU A 101 1.07 -27.47 -0.91
CA GLU A 101 0.99 -28.61 -1.86
C GLU A 101 0.02 -28.27 -3.00
N GLU A 102 -1.04 -27.50 -2.73
CA GLU A 102 -2.09 -27.12 -3.71
C GLU A 102 -1.90 -25.65 -4.12
N PHE A 103 -0.70 -25.09 -3.99
CA PHE A 103 -0.46 -23.64 -4.24
C PHE A 103 0.17 -23.56 -5.64
N PRO A 104 -0.57 -23.16 -6.69
CA PRO A 104 0.00 -23.16 -8.04
C PRO A 104 1.23 -22.25 -8.05
N THR A 105 2.33 -22.74 -8.60
CA THR A 105 3.63 -22.03 -8.69
C THR A 105 3.45 -20.72 -9.45
N ALA A 106 2.62 -20.70 -10.51
CA ALA A 106 2.32 -19.49 -11.32
C ALA A 106 1.77 -18.39 -10.39
N VAL A 107 0.89 -18.78 -9.47
CA VAL A 107 0.16 -17.86 -8.56
C VAL A 107 1.14 -17.36 -7.50
N PHE A 108 1.93 -18.26 -6.91
CA PHE A 108 3.08 -17.86 -6.06
C PHE A 108 3.88 -16.73 -6.76
N GLN A 109 4.32 -17.00 -7.98
CA GLN A 109 5.16 -16.06 -8.78
C GLN A 109 4.43 -14.73 -9.01
N LYS A 110 3.11 -14.73 -9.20
CA LYS A 110 2.31 -13.52 -9.53
C LYS A 110 2.15 -12.68 -8.28
N LEU A 111 1.87 -13.31 -7.13
CA LEU A 111 1.80 -12.55 -5.86
C LEU A 111 3.13 -11.81 -5.67
N VAL A 112 4.24 -12.50 -5.90
CA VAL A 112 5.61 -11.93 -5.71
C VAL A 112 5.85 -10.81 -6.75
N GLN A 113 5.54 -11.08 -8.02
CA GLN A 113 5.67 -10.07 -9.10
C GLN A 113 4.86 -8.80 -8.77
N VAL A 114 3.60 -8.90 -8.31
CA VAL A 114 2.77 -7.69 -8.03
C VAL A 114 3.32 -6.93 -6.82
N MET A 115 3.63 -7.65 -5.75
CA MET A 115 3.76 -7.02 -4.43
C MET A 115 5.21 -6.83 -4.03
N LEU A 116 6.15 -7.49 -4.71
CA LEU A 116 7.59 -7.25 -4.51
C LEU A 116 8.14 -6.56 -5.77
N THR A 117 8.09 -7.24 -6.92
CA THR A 117 8.73 -6.69 -8.14
C THR A 117 8.07 -5.35 -8.50
N GLY A 118 6.75 -5.23 -8.34
CA GLY A 118 5.98 -3.99 -8.53
C GLY A 118 6.54 -2.83 -7.72
N ALA A 119 6.84 -3.06 -6.43
CA ALA A 119 7.40 -2.02 -5.54
C ALA A 119 8.80 -1.66 -6.03
N PHE A 120 9.58 -2.64 -6.47
CA PHE A 120 10.97 -2.41 -6.93
C PHE A 120 10.95 -1.55 -8.20
N ILE A 121 9.99 -1.81 -9.09
CA ILE A 121 9.82 -1.03 -10.35
C ILE A 121 9.50 0.42 -9.98
N GLY A 122 8.51 0.62 -9.11
CA GLY A 122 8.12 1.96 -8.65
C GLY A 122 9.32 2.73 -8.13
N ILE A 123 10.10 2.07 -7.26
CA ILE A 123 11.21 2.71 -6.52
C ILE A 123 12.29 3.06 -7.56
N LYS A 124 12.70 2.08 -8.37
CA LYS A 124 13.71 2.29 -9.43
C LYS A 124 13.39 3.56 -10.22
N HIS A 125 12.13 3.81 -10.56
CA HIS A 125 11.73 4.92 -11.45
C HIS A 125 11.48 6.23 -10.68
N VAL A 126 11.18 6.22 -9.38
CA VAL A 126 11.01 7.51 -8.63
C VAL A 126 12.33 7.94 -7.98
N LEU A 127 13.31 7.05 -7.81
CA LEU A 127 14.52 7.40 -7.03
C LEU A 127 15.28 8.54 -7.73
N PRO A 128 15.42 8.52 -9.08
CA PRO A 128 16.04 9.64 -9.81
C PRO A 128 15.40 11.00 -9.53
N ILE A 129 14.07 11.07 -9.59
CA ILE A 129 13.27 12.32 -9.40
C ILE A 129 13.49 12.85 -7.98
N MET A 130 13.49 11.94 -7.01
CA MET A 130 13.62 12.28 -5.57
C MET A 130 15.06 12.65 -5.25
N LYS A 131 16.04 11.92 -5.77
CA LYS A 131 17.47 12.20 -5.49
C LYS A 131 17.86 13.58 -6.09
N ALA A 132 17.38 13.91 -7.28
CA ALA A 132 17.60 15.22 -7.93
C ALA A 132 17.13 16.34 -6.97
N GLN A 133 15.95 16.21 -6.35
CA GLN A 133 15.32 17.27 -5.52
C GLN A 133 15.76 17.15 -4.07
N LYS A 134 16.59 16.15 -3.76
CA LYS A 134 17.00 15.79 -2.37
C LYS A 134 15.79 15.75 -1.44
N TYR A 135 14.64 15.25 -1.90
CA TYR A 135 13.47 14.98 -1.03
C TYR A 135 12.65 13.81 -1.55
N GLY A 136 12.22 12.94 -0.65
CA GLY A 136 11.10 12.04 -0.96
C GLY A 136 10.67 11.18 0.22
N ARG A 137 9.53 10.52 0.01
CA ARG A 137 8.89 9.55 0.94
C ARG A 137 8.40 8.38 0.10
N ILE A 138 8.95 7.20 0.33
CA ILE A 138 8.46 5.92 -0.25
C ILE A 138 7.87 5.08 0.90
N ILE A 139 6.58 4.73 0.79
CA ILE A 139 5.94 3.78 1.72
C ILE A 139 5.46 2.57 0.92
N ASN A 140 6.02 1.41 1.26
CA ASN A 140 5.66 0.07 0.73
C ASN A 140 4.60 -0.47 1.68
N MET A 141 3.38 -0.66 1.18
CA MET A 141 2.28 -1.27 1.97
C MET A 141 2.60 -2.75 2.12
N ALA A 142 3.12 -3.13 3.28
CA ALA A 142 3.47 -4.53 3.58
C ALA A 142 2.29 -5.13 4.37
N SER A 143 2.54 -5.70 5.55
CA SER A 143 1.54 -6.38 6.40
C SER A 143 2.32 -6.97 7.59
N ILE A 144 1.65 -7.28 8.70
CA ILE A 144 2.23 -8.16 9.75
C ILE A 144 2.73 -9.46 9.12
N ASN A 145 2.11 -9.92 8.03
CA ASN A 145 2.47 -11.16 7.27
C ASN A 145 3.82 -10.97 6.56
N GLY A 146 4.41 -9.76 6.64
CA GLY A 146 5.80 -9.49 6.26
C GLY A 146 6.75 -9.76 7.41
N LEU A 147 6.23 -9.87 8.64
CA LEU A 147 7.02 -10.04 9.89
C LEU A 147 6.77 -11.41 10.54
N ILE A 148 5.62 -12.05 10.29
CA ILE A 148 5.31 -13.39 10.87
C ILE A 148 4.89 -14.37 9.77
N GLY A 149 4.75 -15.65 10.13
CA GLY A 149 4.15 -16.72 9.30
C GLY A 149 2.63 -16.79 9.45
N PHE A 150 1.91 -17.28 8.44
CA PHE A 150 0.48 -17.67 8.52
C PHE A 150 0.22 -18.82 7.54
N ALA A 151 -0.30 -19.95 8.02
CA ALA A 151 -0.53 -21.16 7.19
C ALA A 151 -1.44 -20.80 6.00
N GLY A 152 -1.09 -21.28 4.81
CA GLY A 152 -1.89 -21.03 3.59
C GLY A 152 -1.44 -19.79 2.82
N LYS A 153 -0.48 -19.00 3.31
CA LYS A 153 -0.13 -17.70 2.66
C LYS A 153 1.32 -17.70 2.17
N ALA A 154 1.73 -18.79 1.51
CA ALA A 154 3.11 -19.02 1.04
C ALA A 154 3.57 -17.82 0.20
N GLY A 155 2.79 -17.48 -0.82
CA GLY A 155 3.11 -16.40 -1.78
C GLY A 155 3.01 -15.03 -1.14
N TYR A 156 1.90 -14.77 -0.43
CA TYR A 156 1.68 -13.46 0.21
C TYR A 156 2.80 -13.18 1.22
N ASN A 157 3.04 -14.11 2.15
CA ASN A 157 3.98 -13.87 3.27
C ASN A 157 5.39 -13.72 2.70
N SER A 158 5.72 -14.52 1.68
CA SER A 158 7.00 -14.49 0.94
C SER A 158 7.20 -13.11 0.30
N ALA A 159 6.17 -12.59 -0.40
CA ALA A 159 6.21 -11.29 -1.08
C ALA A 159 6.29 -10.17 -0.04
N LYS A 160 5.48 -10.20 1.02
CA LYS A 160 5.49 -9.13 2.05
C LYS A 160 6.82 -9.11 2.82
N HIS A 161 7.37 -10.29 3.17
CA HIS A 161 8.71 -10.44 3.79
C HIS A 161 9.75 -9.80 2.86
N GLY A 162 9.64 -10.09 1.56
CA GLY A 162 10.54 -9.59 0.52
C GLY A 162 10.52 -8.06 0.44
N VAL A 163 9.35 -7.44 0.47
CA VAL A 163 9.21 -5.96 0.31
C VAL A 163 9.79 -5.27 1.57
N ILE A 164 9.88 -5.95 2.70
CA ILE A 164 10.53 -5.33 3.89
C ILE A 164 12.03 -5.33 3.64
N GLY A 165 12.56 -6.40 3.08
CA GLY A 165 13.97 -6.47 2.66
C GLY A 165 14.29 -5.37 1.65
N LEU A 166 13.43 -5.16 0.66
CA LEU A 166 13.64 -4.13 -0.39
C LEU A 166 13.64 -2.75 0.26
N THR A 167 12.70 -2.53 1.16
CA THR A 167 12.59 -1.32 2.00
C THR A 167 13.94 -0.99 2.66
N LYS A 168 14.59 -1.94 3.31
CA LYS A 168 15.82 -1.65 4.08
C LYS A 168 16.93 -1.28 3.10
N VAL A 169 17.04 -2.04 2.00
CA VAL A 169 18.10 -1.85 0.98
C VAL A 169 17.95 -0.45 0.37
N ALA A 170 16.75 -0.12 -0.08
CA ALA A 170 16.40 1.19 -0.66
C ALA A 170 16.70 2.32 0.33
N ALA A 171 16.33 2.14 1.61
CA ALA A 171 16.55 3.16 2.65
C ALA A 171 18.05 3.50 2.77
N LEU A 172 18.89 2.47 2.75
CA LEU A 172 20.36 2.62 2.89
C LEU A 172 20.92 3.31 1.65
N GLU A 173 20.36 3.05 0.47
CA GLU A 173 20.87 3.65 -0.79
C GLU A 173 20.54 5.16 -0.87
N CYS A 174 19.56 5.66 -0.12
CA CYS A 174 19.13 7.08 -0.27
C CYS A 174 19.10 7.84 1.08
N ALA A 175 19.73 7.31 2.11
CA ALA A 175 19.70 7.89 3.48
C ALA A 175 20.31 9.31 3.49
N ARG A 176 21.14 9.66 2.50
CA ARG A 176 21.87 10.96 2.50
C ARG A 176 21.12 11.94 1.59
N ASP A 177 20.07 11.50 0.92
CA ASP A 177 19.47 12.21 -0.23
C ASP A 177 18.14 12.84 0.16
N GLY A 178 17.81 12.91 1.46
CA GLY A 178 16.55 13.53 1.96
C GLY A 178 15.35 12.63 1.73
N ILE A 179 15.60 11.34 1.56
CA ILE A 179 14.57 10.35 1.13
C ILE A 179 14.46 9.26 2.19
N THR A 180 13.21 8.96 2.57
CA THR A 180 12.87 7.86 3.49
C THR A 180 12.11 6.77 2.72
N VAL A 181 12.37 5.54 3.14
CA VAL A 181 11.78 4.29 2.59
C VAL A 181 11.35 3.44 3.78
N ASN A 182 10.05 3.29 3.97
CA ASN A 182 9.46 2.55 5.11
C ASN A 182 8.43 1.54 4.60
N ALA A 183 8.14 0.49 5.37
CA ALA A 183 7.07 -0.48 5.08
C ALA A 183 6.04 -0.34 6.20
N LEU A 184 4.87 0.14 5.82
CA LEU A 184 3.72 0.21 6.74
C LEU A 184 3.09 -1.20 6.79
N CYS A 185 3.00 -1.78 7.99
CA CYS A 185 2.56 -3.18 8.24
C CYS A 185 1.25 -3.18 9.03
N PRO A 186 0.08 -3.05 8.35
CA PRO A 186 -1.21 -3.18 9.03
C PRO A 186 -1.51 -4.62 9.42
N GLY A 187 -2.31 -4.79 10.45
CA GLY A 187 -3.04 -6.05 10.72
C GLY A 187 -4.31 -6.07 9.89
N TYR A 188 -5.36 -6.72 10.40
CA TYR A 188 -6.63 -6.86 9.66
C TYR A 188 -7.30 -5.49 9.58
N VAL A 189 -7.60 -5.05 8.36
CA VAL A 189 -8.31 -3.76 8.12
C VAL A 189 -9.69 -4.05 7.53
N ASP A 190 -10.66 -3.28 7.96
CA ASP A 190 -12.06 -3.35 7.45
C ASP A 190 -12.10 -2.80 6.03
N THR A 191 -11.94 -3.70 5.06
CA THR A 191 -11.75 -3.41 3.62
C THR A 191 -12.67 -4.36 2.85
N PRO A 192 -13.08 -4.00 1.61
CA PRO A 192 -13.71 -4.95 0.70
C PRO A 192 -13.00 -6.32 0.74
N LEU A 193 -11.67 -6.32 0.59
CA LEU A 193 -10.80 -7.53 0.67
C LEU A 193 -11.26 -8.43 1.82
N VAL A 194 -11.31 -7.89 3.03
CA VAL A 194 -11.48 -8.65 4.29
C VAL A 194 -12.97 -9.04 4.50
N ARG A 195 -13.92 -8.18 4.15
CA ARG A 195 -15.36 -8.49 4.37
C ARG A 195 -15.73 -9.66 3.46
N GLY A 196 -15.08 -9.75 2.31
CA GLY A 196 -15.16 -10.90 1.37
C GLY A 196 -14.66 -12.16 2.05
N GLN A 197 -13.50 -12.09 2.67
CA GLN A 197 -12.85 -13.24 3.37
C GLN A 197 -13.67 -13.66 4.58
N ILE A 198 -14.35 -12.73 5.26
CA ILE A 198 -15.34 -13.01 6.34
C ILE A 198 -16.54 -13.75 5.73
N ALA A 199 -17.07 -13.27 4.60
CA ALA A 199 -18.20 -13.94 3.89
C ALA A 199 -17.76 -15.38 3.56
N ASP A 200 -16.61 -15.53 2.89
CA ASP A 200 -15.90 -16.80 2.56
C ASP A 200 -15.94 -17.79 3.75
N LEU A 201 -15.30 -17.42 4.86
CA LEU A 201 -15.22 -18.22 6.11
C LEU A 201 -16.62 -18.56 6.67
N ALA A 202 -17.60 -17.67 6.53
CA ALA A 202 -18.97 -17.84 7.08
C ALA A 202 -19.70 -18.97 6.33
N LYS A 203 -19.69 -18.93 4.99
CA LYS A 203 -20.22 -20.00 4.10
C LYS A 203 -19.56 -21.32 4.51
N THR A 204 -18.25 -21.45 4.29
CA THR A 204 -17.46 -22.71 4.41
C THR A 204 -17.59 -23.35 5.81
N ARG A 205 -17.72 -22.56 6.89
CA ARG A 205 -17.77 -23.09 8.28
C ARG A 205 -19.22 -23.07 8.81
N ASN A 206 -20.18 -22.62 8.01
CA ASN A 206 -21.63 -22.63 8.33
C ASN A 206 -21.86 -21.90 9.66
N VAL A 207 -21.19 -20.74 9.83
CA VAL A 207 -21.31 -19.82 11.02
C VAL A 207 -21.81 -18.46 10.52
N SER A 208 -22.21 -17.55 11.41
CA SER A 208 -22.60 -16.15 11.07
C SER A 208 -21.35 -15.30 10.74
N LEU A 209 -21.51 -14.26 9.91
CA LEU A 209 -20.43 -13.28 9.60
C LEU A 209 -19.79 -12.82 10.91
N ASP A 210 -20.60 -12.59 11.95
CA ASP A 210 -20.16 -12.11 13.29
C ASP A 210 -19.19 -13.12 13.94
N SER A 211 -19.51 -14.43 13.95
CA SER A 211 -18.66 -15.51 14.52
C SER A 211 -17.39 -15.65 13.70
N ALA A 212 -17.55 -15.67 12.38
CA ALA A 212 -16.45 -15.75 11.39
C ALA A 212 -15.41 -14.67 11.72
N LEU A 213 -15.88 -13.44 11.99
CA LEU A 213 -15.02 -12.28 12.30
C LEU A 213 -14.45 -12.45 13.72
N GLU A 214 -15.32 -12.66 14.71
CA GLU A 214 -14.99 -12.52 16.16
C GLU A 214 -14.19 -13.74 16.65
N ASP A 215 -14.38 -14.93 16.05
CA ASP A 215 -13.83 -16.22 16.57
C ASP A 215 -12.65 -16.71 15.73
N VAL A 216 -12.65 -16.44 14.41
CA VAL A 216 -11.56 -16.82 13.48
C VAL A 216 -10.60 -15.61 13.29
N ILE A 217 -10.97 -14.62 12.47
CA ILE A 217 -10.04 -13.54 12.04
C ILE A 217 -9.46 -12.79 13.25
N LEU A 218 -10.29 -12.39 14.23
CA LEU A 218 -9.83 -11.54 15.36
C LEU A 218 -9.33 -12.44 16.50
N ALA A 219 -9.25 -13.75 16.30
CA ALA A 219 -8.83 -14.71 17.37
C ALA A 219 -7.47 -14.26 17.94
N MET A 220 -6.55 -13.78 17.09
CA MET A 220 -5.15 -13.49 17.48
C MET A 220 -4.91 -11.98 17.54
N VAL A 221 -5.96 -11.15 17.47
CA VAL A 221 -5.85 -9.67 17.63
C VAL A 221 -6.19 -9.28 19.05
N PRO A 222 -5.19 -8.90 19.88
CA PRO A 222 -5.46 -8.46 21.24
C PRO A 222 -6.59 -7.43 21.36
N GLN A 223 -6.68 -6.47 20.44
CA GLN A 223 -7.71 -5.41 20.54
C GLN A 223 -9.10 -5.93 20.07
N LYS A 224 -9.16 -7.11 19.46
CA LYS A 224 -10.44 -7.75 19.03
C LYS A 224 -11.28 -6.79 18.18
N ARG A 225 -10.66 -6.19 17.15
CA ARG A 225 -11.35 -5.28 16.22
C ARG A 225 -10.56 -5.17 14.91
N LEU A 226 -11.28 -4.98 13.81
CA LEU A 226 -10.67 -4.53 12.53
C LEU A 226 -10.20 -3.10 12.72
N LEU A 227 -9.04 -2.76 12.14
CA LEU A 227 -8.61 -1.35 12.00
C LEU A 227 -9.45 -0.73 10.88
N SER A 228 -9.65 0.57 10.94
CA SER A 228 -10.31 1.38 9.89
C SER A 228 -9.27 1.82 8.87
N VAL A 229 -9.69 2.00 7.62
CA VAL A 229 -8.77 2.52 6.55
C VAL A 229 -8.30 3.89 7.00
N GLU A 230 -9.14 4.62 7.72
CA GLU A 230 -8.81 5.95 8.27
C GLU A 230 -7.52 5.86 9.11
N GLU A 231 -7.38 4.82 9.93
CA GLU A 231 -6.22 4.62 10.85
C GLU A 231 -4.95 4.39 10.05
N ILE A 232 -5.00 3.56 9.00
CA ILE A 232 -3.81 3.27 8.17
C ILE A 232 -3.40 4.58 7.49
N ALA A 233 -4.39 5.25 6.89
CA ALA A 233 -4.19 6.53 6.18
C ALA A 233 -3.52 7.53 7.14
N ASP A 234 -3.94 7.59 8.41
CA ASP A 234 -3.40 8.59 9.38
C ASP A 234 -1.92 8.32 9.61
N TYR A 235 -1.52 7.06 9.78
CA TYR A 235 -0.10 6.67 9.93
C TYR A 235 0.64 6.98 8.61
N ALA A 236 0.04 6.70 7.46
CA ALA A 236 0.66 6.99 6.16
C ALA A 236 0.97 8.49 6.07
N ILE A 237 0.03 9.34 6.47
CA ILE A 237 0.20 10.82 6.45
C ILE A 237 1.44 11.20 7.30
N PHE A 238 1.55 10.69 8.53
CA PHE A 238 2.71 10.98 9.40
C PHE A 238 4.01 10.61 8.66
N LEU A 239 4.06 9.38 8.16
CA LEU A 239 5.29 8.79 7.54
C LEU A 239 5.61 9.55 6.25
N ALA A 240 4.58 10.03 5.55
CA ALA A 240 4.71 10.73 4.24
C ALA A 240 5.04 12.21 4.46
N SER A 241 4.90 12.72 5.68
CA SER A 241 5.03 14.15 6.03
C SER A 241 6.51 14.52 6.25
N SER A 242 6.79 15.83 6.16
CA SER A 242 8.13 16.42 6.43
C SER A 242 8.53 16.17 7.88
N LYS A 243 7.58 15.81 8.74
CA LYS A 243 7.80 15.63 10.21
C LYS A 243 8.49 14.30 10.49
N ALA A 244 8.52 13.38 9.52
CA ALA A 244 9.00 11.99 9.70
C ALA A 244 10.30 11.72 8.94
N GLY A 245 11.16 12.73 8.78
CA GLY A 245 12.38 12.63 7.97
C GLY A 245 13.44 11.73 8.57
N GLY A 246 13.38 11.48 9.88
CA GLY A 246 14.31 10.60 10.60
C GLY A 246 13.80 9.16 10.72
N VAL A 247 12.62 8.86 10.16
CA VAL A 247 12.07 7.47 10.13
C VAL A 247 12.46 6.87 8.78
N THR A 248 13.29 5.83 8.77
CA THR A 248 13.66 5.17 7.48
C THR A 248 14.18 3.76 7.73
N GLY A 249 13.91 2.88 6.76
CA GLY A 249 14.30 1.46 6.77
C GLY A 249 13.49 0.66 7.77
N GLN A 250 12.30 1.14 8.17
CA GLN A 250 11.48 0.49 9.23
C GLN A 250 10.29 -0.27 8.64
N ALA A 251 9.99 -1.43 9.25
CA ALA A 251 8.67 -2.09 9.21
C ALA A 251 7.82 -1.44 10.30
N VAL A 252 6.95 -0.52 9.93
CA VAL A 252 6.15 0.29 10.89
C VAL A 252 4.79 -0.40 11.09
N VAL A 253 4.50 -0.86 12.32
CA VAL A 253 3.42 -1.84 12.59
C VAL A 253 2.23 -1.15 13.27
N MET A 254 1.06 -1.38 12.71
CA MET A 254 -0.24 -0.92 13.26
C MET A 254 -1.16 -2.14 13.16
N ASP A 255 -1.23 -2.95 14.22
CA ASP A 255 -1.82 -4.31 14.15
C ASP A 255 -2.70 -4.65 15.35
N GLY A 256 -3.19 -3.67 16.12
CA GLY A 256 -3.93 -3.90 17.37
C GLY A 256 -3.25 -4.88 18.32
N GLY A 257 -1.93 -5.03 18.23
CA GLY A 257 -1.12 -5.85 19.16
C GLY A 257 -0.85 -7.26 18.68
N TYR A 258 -1.31 -7.63 17.48
CA TYR A 258 -1.09 -8.99 16.93
C TYR A 258 0.36 -9.46 17.19
N THR A 259 1.36 -8.66 16.83
CA THR A 259 2.76 -9.16 16.75
C THR A 259 3.47 -9.05 18.12
N ALA A 260 2.82 -8.45 19.13
CA ALA A 260 3.35 -8.30 20.51
C ALA A 260 3.23 -9.63 21.28
N GLN A 261 2.60 -10.65 20.72
CA GLN A 261 2.40 -11.95 21.42
C GLN A 261 2.98 -13.06 20.54
PA NAD B . -7.12 -4.63 -2.41
O1A NAD B . -5.89 -5.50 -2.40
O2A NAD B . -8.44 -5.13 -2.88
O5B NAD B . -6.78 -3.24 -3.13
C5B NAD B . -5.52 -3.16 -3.80
C4B NAD B . -5.73 -2.66 -5.20
O4B NAD B . -4.64 -3.16 -6.00
C3B NAD B . -7.02 -3.11 -5.92
O3B NAD B . -7.87 -2.03 -6.30
C2B NAD B . -6.53 -3.88 -7.14
O2B NAD B . -7.31 -3.67 -8.30
C1B NAD B . -5.12 -3.30 -7.31
N9A NAD B . -4.19 -4.15 -8.02
C8A NAD B . -4.02 -5.52 -7.92
N7A NAD B . -3.10 -5.97 -8.72
C5A NAD B . -2.59 -4.85 -9.36
C6A NAD B . -1.57 -4.68 -10.31
N6A NAD B . -0.85 -5.67 -10.82
N1A NAD B . -1.31 -3.40 -10.71
C2A NAD B . -2.06 -2.39 -10.24
N3A NAD B . -3.04 -2.44 -9.34
C4A NAD B . -3.26 -3.71 -8.94
O3 NAD B . -7.34 -4.16 -0.92
PN NAD B . -6.62 -3.50 0.34
O1N NAD B . -7.17 -4.31 1.48
O2N NAD B . -6.93 -2.05 0.29
O5D NAD B . -5.05 -3.80 0.23
C5D NAD B . -4.10 -2.70 0.15
C4D NAD B . -2.68 -3.18 0.41
O4D NAD B . -2.48 -3.36 1.84
C3D NAD B . -2.26 -4.50 -0.24
O3D NAD B . -0.88 -4.46 -0.61
C2D NAD B . -2.47 -5.51 0.90
O2D NAD B . -1.64 -6.64 0.67
C1D NAD B . -2.05 -4.70 2.14
N1N NAD B . -2.68 -5.13 3.42
C2N NAD B . -4.05 -5.25 3.56
C3N NAD B . -4.61 -5.68 4.79
C7N NAD B . -6.11 -5.73 5.03
O7N NAD B . -6.53 -6.19 6.10
N7N NAD B . -6.91 -5.27 4.09
C4N NAD B . -3.73 -6.07 5.82
C5N NAD B . -2.37 -5.93 5.66
C6N NAD B . -1.89 -5.36 4.51
O1 AAE C . -6.07 -11.22 3.96
C2 AAE C . -4.90 -11.40 4.35
O3 AAE C . -4.07 -12.07 3.73
C4 AAE C . -4.45 -10.71 5.63
C5 AAE C . -3.74 -9.48 5.28
O8 AAE C . -4.21 -8.72 4.46
C9 AAE C . -2.41 -9.21 5.90
O1 AAE D . -4.46 -8.29 -10.15
C2 AAE D . -3.36 -8.78 -10.50
O3 AAE D . -2.51 -8.19 -11.19
C4 AAE D . -3.04 -10.21 -10.04
C5 AAE D . -4.14 -11.18 -10.19
O8 AAE D . -5.25 -10.94 -9.77
C9 AAE D . -3.82 -12.50 -10.86
#